data_5ZC4
#
_entry.id   5ZC4
#
_cell.length_a   90.338
_cell.length_b   90.338
_cell.length_c   45.445
_cell.angle_alpha   90.00
_cell.angle_beta   90.00
_cell.angle_gamma   120.00
#
_symmetry.space_group_name_H-M   'P 62'
#
loop_
_entity.id
_entity.type
_entity.pdbx_description
1 polymer 'E3 ubiquitin-protein ligase RNF13'
2 non-polymer 'ZINC ION'
3 water water
#
_entity_poly.entity_id   1
_entity_poly.type   'polypeptide(L)'
_entity_poly.pdbx_seq_one_letter_code
;MNRLRKDQLKKLPVHKFKKGDEYDVCAICLDEYEDGDKLRILPCSHAYHCKCVDPWLTKTKKTCPVCKQKVVPSQG
;
_entity_poly.pdbx_strand_id   A,D
#
# COMPACT_ATOMS: atom_id res chain seq x y z
N MET A 1 -0.47 15.36 17.56
CA MET A 1 0.44 16.17 16.76
C MET A 1 0.61 15.71 15.32
N ASN A 2 0.16 14.49 15.04
CA ASN A 2 0.31 13.86 13.73
C ASN A 2 1.75 13.42 13.44
N ARG A 3 2.50 13.01 14.46
CA ARG A 3 3.71 12.25 14.21
C ARG A 3 3.93 11.31 15.39
N LEU A 4 4.73 10.27 15.17
CA LEU A 4 5.02 9.24 16.16
C LEU A 4 6.24 9.56 17.00
N ARG A 5 6.16 9.26 18.30
CA ARG A 5 7.33 9.20 19.18
C ARG A 5 8.09 7.90 18.94
N LYS A 6 9.39 7.94 19.26
N LYS A 6 9.36 7.89 19.33
CA LYS A 6 10.25 6.75 19.22
CA LYS A 6 10.19 6.70 19.10
C LYS A 6 9.59 5.55 19.86
C LYS A 6 9.74 5.49 19.93
N ASP A 7 9.12 5.72 21.10
CA ASP A 7 8.54 4.61 21.81
C ASP A 7 7.28 4.09 21.11
N GLN A 8 6.56 4.95 20.38
CA GLN A 8 5.42 4.44 19.62
C GLN A 8 5.89 3.64 18.42
N LEU A 9 6.91 4.16 17.75
CA LEU A 9 7.48 3.47 16.59
C LEU A 9 7.90 2.05 16.96
N LYS A 10 8.55 1.87 18.11
CA LYS A 10 9.09 0.56 18.48
C LYS A 10 8.00 -0.50 18.62
N LYS A 11 6.72 -0.09 18.75
CA LYS A 11 5.58 -0.99 18.80
C LYS A 11 5.22 -1.57 17.44
N LEU A 12 5.78 -1.04 16.35
CA LEU A 12 5.42 -1.59 15.06
C LEU A 12 6.36 -2.74 14.69
N PRO A 13 5.82 -3.81 14.10
CA PRO A 13 6.67 -4.97 13.79
C PRO A 13 7.77 -4.64 12.80
N VAL A 14 8.91 -5.30 12.98
CA VAL A 14 10.00 -5.24 12.01
C VAL A 14 10.08 -6.62 11.38
N HIS A 15 10.20 -6.66 10.06
CA HIS A 15 10.28 -7.91 9.33
C HIS A 15 11.62 -7.95 8.60
N LYS A 16 12.32 -9.07 8.70
N LYS A 16 12.31 -9.07 8.67
CA LYS A 16 13.51 -9.29 7.88
CA LYS A 16 13.51 -9.26 7.87
C LYS A 16 13.06 -9.85 6.53
C LYS A 16 13.10 -9.87 6.54
N PHE A 17 13.46 -9.19 5.44
CA PHE A 17 13.05 -9.62 4.11
C PHE A 17 13.68 -10.97 3.73
N LYS A 18 12.87 -11.85 3.11
N LYS A 18 12.87 -11.87 3.14
CA LYS A 18 13.35 -13.12 2.56
CA LYS A 18 13.36 -13.11 2.56
C LYS A 18 12.84 -13.29 1.14
C LYS A 18 12.90 -13.23 1.11
N LYS A 19 13.58 -14.08 0.34
CA LYS A 19 13.34 -14.16 -1.10
C LYS A 19 11.87 -14.44 -1.46
N GLY A 20 11.23 -15.39 -0.78
CA GLY A 20 9.86 -15.71 -1.19
C GLY A 20 8.79 -14.69 -0.83
N ASP A 21 9.15 -13.59 -0.17
CA ASP A 21 8.14 -12.65 0.29
C ASP A 21 7.45 -11.95 -0.88
N GLU A 22 6.21 -11.51 -0.64
CA GLU A 22 5.49 -10.71 -1.62
C GLU A 22 6.01 -9.28 -1.72
N TYR A 23 6.68 -8.79 -0.68
CA TYR A 23 7.21 -7.43 -0.76
C TYR A 23 8.26 -7.39 -1.88
N ASP A 24 8.21 -6.37 -2.74
CA ASP A 24 9.09 -6.36 -3.90
C ASP A 24 9.93 -5.10 -3.99
N VAL A 25 9.30 -3.93 -4.03
CA VAL A 25 10.00 -2.64 -4.14
C VAL A 25 9.42 -1.73 -3.06
N CYS A 26 10.28 -0.95 -2.39
CA CYS A 26 9.82 0.03 -1.41
C CYS A 26 9.30 1.26 -2.14
N ALA A 27 8.06 1.69 -1.86
CA ALA A 27 7.47 2.78 -2.64
C ALA A 27 7.98 4.15 -2.25
N ILE A 28 8.82 4.26 -1.21
CA ILE A 28 9.42 5.53 -0.88
C ILE A 28 10.78 5.66 -1.61
N CYS A 29 11.72 4.71 -1.36
CA CYS A 29 13.03 4.84 -2.01
C CYS A 29 13.07 4.28 -3.43
N LEU A 30 12.05 3.52 -3.79
CA LEU A 30 11.93 2.89 -5.12
C LEU A 30 13.09 1.96 -5.42
N ASP A 31 13.63 1.27 -4.37
CA ASP A 31 14.68 0.26 -4.53
C ASP A 31 14.08 -1.12 -4.23
N GLU A 32 14.62 -2.17 -4.87
CA GLU A 32 14.20 -3.53 -4.52
C GLU A 32 14.65 -3.90 -3.11
N TYR A 33 13.82 -4.68 -2.43
CA TYR A 33 14.24 -5.24 -1.14
C TYR A 33 15.32 -6.26 -1.39
N GLU A 34 16.24 -6.39 -0.43
CA GLU A 34 17.36 -7.30 -0.54
C GLU A 34 17.40 -8.18 0.69
N ASP A 35 18.14 -9.28 0.55
CA ASP A 35 17.87 -10.42 1.40
C ASP A 35 17.91 -10.06 2.89
N GLY A 36 18.75 -9.11 3.30
CA GLY A 36 18.74 -8.85 4.73
C GLY A 36 17.84 -7.73 5.24
N ASP A 37 17.21 -6.97 4.36
CA ASP A 37 16.58 -5.70 4.70
C ASP A 37 15.58 -5.80 5.84
N LYS A 38 15.46 -4.70 6.58
CA LYS A 38 14.53 -4.57 7.69
C LYS A 38 13.34 -3.75 7.25
N LEU A 39 12.16 -4.35 7.27
CA LEU A 39 10.95 -3.70 6.82
C LEU A 39 10.08 -3.36 8.02
N ARG A 40 9.45 -2.20 7.93
CA ARG A 40 8.49 -1.80 8.96
C ARG A 40 7.10 -2.14 8.42
N ILE A 41 6.30 -2.91 9.17
CA ILE A 41 5.02 -3.38 8.66
C ILE A 41 3.94 -2.57 9.36
N LEU A 42 3.14 -1.82 8.61
CA LEU A 42 2.11 -1.03 9.29
C LEU A 42 0.89 -1.92 9.56
N PRO A 43 0.02 -1.56 10.49
CA PRO A 43 -1.05 -2.52 10.83
C PRO A 43 -2.08 -2.71 9.73
N CYS A 44 -2.11 -1.83 8.72
CA CYS A 44 -2.93 -1.96 7.52
C CYS A 44 -2.32 -2.92 6.49
N SER A 45 -1.11 -3.42 6.74
CA SER A 45 -0.29 -4.42 6.00
C SER A 45 0.61 -3.76 4.97
N HIS A 46 0.58 -2.44 4.83
CA HIS A 46 1.48 -1.76 3.91
C HIS A 46 2.87 -1.73 4.55
N ALA A 47 3.91 -1.92 3.74
CA ALA A 47 5.24 -2.13 4.27
C ALA A 47 6.24 -1.26 3.51
N TYR A 48 7.29 -0.85 4.24
CA TYR A 48 8.39 -0.04 3.72
C TYR A 48 9.68 -0.46 4.42
N HIS A 49 10.83 -0.07 3.87
CA HIS A 49 12.02 -0.13 4.71
C HIS A 49 11.79 0.68 5.96
N CYS A 50 12.30 0.16 7.11
CA CYS A 50 12.45 0.98 8.31
C CYS A 50 13.14 2.31 8.01
N LYS A 51 14.29 2.25 7.33
N LYS A 51 14.28 2.25 7.32
CA LYS A 51 15.07 3.46 7.11
CA LYS A 51 15.08 3.45 7.08
C LYS A 51 14.33 4.50 6.26
C LYS A 51 14.32 4.49 6.28
N CYS A 52 13.34 4.06 5.48
CA CYS A 52 12.56 4.95 4.59
C CYS A 52 11.32 5.52 5.25
N VAL A 53 10.56 4.69 5.95
CA VAL A 53 9.32 5.18 6.53
C VAL A 53 9.44 5.63 7.99
N ASP A 54 10.44 5.16 8.73
CA ASP A 54 10.62 5.70 10.07
C ASP A 54 10.77 7.21 10.10
N PRO A 55 11.59 7.85 9.26
CA PRO A 55 11.65 9.31 9.32
C PRO A 55 10.30 9.95 8.99
N TRP A 56 9.58 9.39 8.03
CA TRP A 56 8.23 9.78 7.66
C TRP A 56 7.32 9.77 8.88
N LEU A 57 7.34 8.67 9.60
CA LEU A 57 6.39 8.49 10.69
C LEU A 57 6.69 9.41 11.86
N THR A 58 7.97 9.72 12.09
CA THR A 58 8.37 10.53 13.22
C THR A 58 8.54 12.00 12.87
N LYS A 59 8.61 12.36 11.58
CA LYS A 59 8.72 13.77 11.20
C LYS A 59 7.64 14.32 10.30
N THR A 60 6.82 13.48 9.66
CA THR A 60 5.82 13.97 8.72
C THR A 60 4.39 13.66 9.17
N LYS A 61 3.96 12.40 9.19
CA LYS A 61 2.62 11.98 9.62
C LYS A 61 2.70 10.59 10.27
N LYS A 62 1.77 10.31 11.18
CA LYS A 62 1.62 8.95 11.72
C LYS A 62 0.56 8.14 11.00
N THR A 63 0.22 8.48 9.75
CA THR A 63 -0.74 7.77 8.95
C THR A 63 -0.03 7.12 7.77
N CYS A 64 -0.54 5.97 7.35
CA CYS A 64 0.01 5.22 6.19
C CYS A 64 -0.03 6.07 4.94
N PRO A 65 1.07 6.15 4.16
CA PRO A 65 0.98 6.93 2.91
C PRO A 65 -0.09 6.41 1.98
N VAL A 66 -0.28 5.08 1.93
CA VAL A 66 -1.19 4.57 0.90
C VAL A 66 -2.64 4.72 1.35
N CYS A 67 -2.97 4.28 2.56
CA CYS A 67 -4.38 4.18 2.93
C CYS A 67 -4.78 5.19 3.97
N LYS A 68 -3.84 5.99 4.43
CA LYS A 68 -4.06 7.15 5.29
C LYS A 68 -4.52 6.75 6.67
N GLN A 69 -4.44 5.47 7.04
CA GLN A 69 -4.92 5.08 8.38
C GLN A 69 -3.84 5.26 9.45
N LYS A 70 -4.21 5.75 10.64
CA LYS A 70 -3.23 5.90 11.70
C LYS A 70 -2.53 4.57 11.99
N VAL A 71 -1.22 4.62 12.26
CA VAL A 71 -0.48 3.37 12.45
C VAL A 71 -0.42 2.91 13.90
N VAL A 72 -0.92 3.70 14.84
CA VAL A 72 -1.02 3.24 16.24
C VAL A 72 -2.44 3.54 16.69
N PRO A 73 -3.06 2.71 17.53
CA PRO A 73 -4.47 2.85 17.97
C PRO A 73 -4.88 4.27 18.39
N ASN B 2 -14.04 15.84 -6.76
CA ASN B 2 -12.83 15.33 -7.42
C ASN B 2 -12.45 13.93 -6.89
N ARG B 3 -13.21 13.39 -5.94
CA ARG B 3 -12.97 12.07 -5.38
C ARG B 3 -14.21 11.20 -5.56
N LEU B 4 -14.05 9.90 -5.39
CA LEU B 4 -15.22 9.02 -5.47
C LEU B 4 -15.85 8.94 -4.11
N ARG B 5 -17.18 8.89 -4.08
CA ARG B 5 -17.86 8.52 -2.85
C ARG B 5 -17.74 7.02 -2.63
N LYS B 6 -17.88 6.61 -1.36
CA LYS B 6 -17.71 5.20 -1.09
C LYS B 6 -18.75 4.40 -1.86
N ASP B 7 -19.95 4.95 -2.07
CA ASP B 7 -20.95 4.16 -2.78
C ASP B 7 -20.59 4.01 -4.24
N GLN B 8 -19.87 4.97 -4.83
CA GLN B 8 -19.48 4.87 -6.22
C GLN B 8 -18.35 3.87 -6.38
N LEU B 9 -17.39 3.92 -5.47
CA LEU B 9 -16.34 2.90 -5.40
C LEU B 9 -16.94 1.52 -5.37
N LYS B 10 -18.02 1.32 -4.59
CA LYS B 10 -18.51 -0.03 -4.39
C LYS B 10 -19.19 -0.58 -5.64
N LYS B 11 -19.50 0.27 -6.63
CA LYS B 11 -20.04 -0.28 -7.88
C LYS B 11 -18.93 -0.86 -8.75
N LEU B 12 -17.69 -0.68 -8.37
CA LEU B 12 -16.59 -1.19 -9.20
C LEU B 12 -16.27 -2.65 -8.87
N PRO B 13 -15.93 -3.44 -9.89
CA PRO B 13 -15.73 -4.87 -9.65
C PRO B 13 -14.55 -5.12 -8.72
N VAL B 14 -14.68 -6.15 -7.91
CA VAL B 14 -13.61 -6.66 -7.07
C VAL B 14 -13.25 -8.03 -7.59
N HIS B 15 -11.97 -8.33 -7.68
CA HIS B 15 -11.49 -9.64 -8.11
C HIS B 15 -10.59 -10.22 -7.03
N LYS B 16 -10.85 -11.48 -6.67
CA LYS B 16 -10.04 -12.16 -5.67
C LYS B 16 -8.88 -12.86 -6.38
N PHE B 17 -7.67 -12.51 -5.99
CA PHE B 17 -6.47 -13.00 -6.67
C PHE B 17 -6.24 -14.49 -6.42
N LYS B 18 -6.04 -15.24 -7.50
CA LYS B 18 -5.65 -16.63 -7.44
C LYS B 18 -4.24 -16.82 -8.01
N LYS B 19 -3.46 -17.67 -7.32
CA LYS B 19 -2.04 -17.86 -7.61
C LYS B 19 -1.72 -18.00 -9.09
N GLY B 20 -2.63 -18.52 -9.91
CA GLY B 20 -2.33 -18.51 -11.33
C GLY B 20 -2.73 -17.30 -12.16
N ASP B 21 -3.34 -16.28 -11.57
CA ASP B 21 -3.88 -15.16 -12.34
C ASP B 21 -2.78 -14.34 -13.02
N GLU B 22 -3.15 -13.74 -14.15
CA GLU B 22 -2.27 -12.88 -14.93
C GLU B 22 -2.36 -11.43 -14.46
N TYR B 23 -2.31 -11.25 -13.14
CA TYR B 23 -2.01 -9.98 -12.48
C TYR B 23 -0.69 -10.18 -11.77
N ASP B 24 0.21 -9.19 -11.87
CA ASP B 24 1.55 -9.36 -11.33
C ASP B 24 1.91 -8.35 -10.27
N VAL B 25 1.61 -7.06 -10.47
CA VAL B 25 2.03 -6.05 -9.49
C VAL B 25 1.02 -4.91 -9.39
N CYS B 26 0.81 -4.47 -8.14
CA CYS B 26 0.02 -3.27 -7.82
C CYS B 26 0.89 -2.03 -8.02
N ALA B 27 0.48 -1.11 -8.90
CA ALA B 27 1.39 -0.02 -9.22
C ALA B 27 1.44 1.06 -8.15
N ILE B 28 0.65 0.95 -7.11
CA ILE B 28 0.64 1.91 -6.00
C ILE B 28 1.63 1.49 -4.95
N CYS B 29 1.51 0.27 -4.42
CA CYS B 29 2.46 -0.16 -3.39
C CYS B 29 3.69 -0.86 -3.96
N LEU B 30 3.67 -1.21 -5.25
CA LEU B 30 4.80 -1.86 -5.91
C LEU B 30 5.18 -3.22 -5.29
N ASP B 31 4.20 -3.92 -4.72
CA ASP B 31 4.40 -5.27 -4.22
C ASP B 31 3.58 -6.25 -5.08
N GLU B 32 4.04 -7.48 -5.13
CA GLU B 32 3.37 -8.56 -5.83
C GLU B 32 2.07 -8.95 -5.13
N TYR B 33 1.09 -9.42 -5.90
CA TYR B 33 -0.14 -9.88 -5.28
C TYR B 33 0.10 -11.20 -4.54
N GLU B 34 -0.59 -11.35 -3.43
CA GLU B 34 -0.62 -12.57 -2.64
C GLU B 34 -1.92 -13.32 -2.89
N ASP B 35 -1.86 -14.65 -2.77
CA ASP B 35 -3.06 -15.46 -2.89
C ASP B 35 -4.13 -14.97 -1.93
N GLY B 36 -5.36 -14.82 -2.44
CA GLY B 36 -6.47 -14.30 -1.66
C GLY B 36 -6.60 -12.77 -1.63
N ASP B 37 -5.65 -12.05 -2.21
CA ASP B 37 -5.73 -10.59 -2.25
C ASP B 37 -6.99 -10.15 -2.98
N LYS B 38 -7.55 -9.02 -2.58
CA LYS B 38 -8.73 -8.46 -3.23
C LYS B 38 -8.31 -7.29 -4.12
N LEU B 39 -8.61 -7.39 -5.40
CA LEU B 39 -8.23 -6.41 -6.40
C LEU B 39 -9.45 -5.62 -6.83
N ARG B 40 -9.24 -4.34 -7.04
CA ARG B 40 -10.25 -3.44 -7.56
C ARG B 40 -9.90 -3.16 -9.02
N ILE B 41 -10.87 -3.30 -9.91
CA ILE B 41 -10.62 -3.16 -11.35
C ILE B 41 -11.30 -1.90 -11.85
N LEU B 42 -10.53 -0.95 -12.38
CA LEU B 42 -11.09 0.29 -12.93
C LEU B 42 -11.54 0.13 -14.40
N PRO B 43 -12.45 0.98 -14.88
CA PRO B 43 -13.01 0.74 -16.23
C PRO B 43 -11.98 0.91 -17.34
N CYS B 44 -10.80 1.43 -17.04
CA CYS B 44 -9.72 1.44 -18.00
C CYS B 44 -9.00 0.10 -18.10
N SER B 45 -9.35 -0.86 -17.23
CA SER B 45 -8.83 -2.24 -17.07
C SER B 45 -7.58 -2.25 -16.19
N HIS B 46 -7.17 -1.11 -15.67
CA HIS B 46 -6.06 -1.12 -14.74
C HIS B 46 -6.57 -1.58 -13.39
N ALA B 47 -5.77 -2.43 -12.68
CA ALA B 47 -6.21 -3.12 -11.47
C ALA B 47 -5.19 -2.92 -10.35
N TYR B 48 -5.65 -2.89 -9.08
CA TYR B 48 -4.77 -2.60 -7.93
C TYR B 48 -5.30 -3.38 -6.74
N HIS B 49 -4.51 -3.45 -5.65
CA HIS B 49 -5.14 -3.89 -4.39
C HIS B 49 -6.29 -2.95 -4.06
N CYS B 50 -7.42 -3.50 -3.62
CA CYS B 50 -8.44 -2.66 -3.01
C CYS B 50 -7.82 -1.75 -1.95
N LYS B 51 -6.98 -2.33 -1.08
CA LYS B 51 -6.47 -1.59 0.09
C LYS B 51 -5.58 -0.44 -0.32
N CYS B 52 -5.13 -0.45 -1.59
CA CYS B 52 -4.29 0.63 -2.17
C CYS B 52 -5.09 1.61 -3.04
N VAL B 53 -5.97 1.14 -3.95
CA VAL B 53 -6.63 2.09 -4.85
C VAL B 53 -7.95 2.59 -4.26
N ASP B 54 -8.58 1.84 -3.35
CA ASP B 54 -9.78 2.37 -2.70
C ASP B 54 -9.50 3.67 -1.97
N PRO B 55 -8.45 3.78 -1.15
CA PRO B 55 -8.21 5.09 -0.55
C PRO B 55 -7.78 6.13 -1.59
N TRP B 56 -7.00 5.74 -2.59
CA TRP B 56 -6.65 6.67 -3.68
C TRP B 56 -7.91 7.34 -4.24
N LEU B 57 -8.89 6.51 -4.61
CA LEU B 57 -10.09 7.04 -5.29
C LEU B 57 -10.98 7.82 -4.34
N THR B 58 -11.09 7.42 -3.06
CA THR B 58 -12.01 8.09 -2.19
C THR B 58 -11.36 9.20 -1.37
N LYS B 59 -10.03 9.24 -1.28
CA LYS B 59 -9.37 10.26 -0.48
C LYS B 59 -8.44 11.19 -1.28
N THR B 60 -8.04 10.82 -2.51
CA THR B 60 -7.08 11.60 -3.30
C THR B 60 -7.67 12.12 -4.62
N LYS B 61 -7.93 11.26 -5.61
CA LYS B 61 -8.42 11.61 -6.96
C LYS B 61 -9.33 10.49 -7.45
N LYS B 62 -10.36 10.84 -8.24
CA LYS B 62 -11.20 9.81 -8.84
C LYS B 62 -10.65 9.31 -10.18
N THR B 63 -9.37 9.48 -10.45
CA THR B 63 -8.77 9.10 -11.71
C THR B 63 -7.80 7.96 -11.49
N CYS B 64 -7.70 7.09 -12.48
CA CYS B 64 -6.76 5.97 -12.44
C CYS B 64 -5.36 6.49 -12.11
N PRO B 65 -4.68 5.89 -11.13
CA PRO B 65 -3.29 6.30 -10.86
C PRO B 65 -2.38 6.20 -12.05
N VAL B 66 -2.53 5.19 -12.89
CA VAL B 66 -1.53 4.97 -13.97
C VAL B 66 -1.86 5.73 -15.25
N CYS B 67 -3.14 5.78 -15.67
CA CYS B 67 -3.44 6.41 -16.95
C CYS B 67 -4.31 7.68 -16.82
N LYS B 68 -4.71 8.08 -15.61
CA LYS B 68 -5.46 9.31 -15.35
C LYS B 68 -6.92 9.25 -15.84
N GLN B 69 -7.44 8.10 -16.23
CA GLN B 69 -8.79 8.08 -16.78
C GLN B 69 -9.80 8.19 -15.62
N LYS B 70 -10.73 9.12 -15.78
CA LYS B 70 -11.78 9.32 -14.78
C LYS B 70 -12.53 8.00 -14.56
N VAL B 71 -12.65 7.61 -13.29
CA VAL B 71 -13.45 6.43 -12.93
C VAL B 71 -14.91 6.84 -12.93
N VAL B 72 -15.68 6.32 -13.88
CA VAL B 72 -17.10 6.62 -13.92
C VAL B 72 -17.78 5.26 -13.84
N PRO B 73 -18.10 4.80 -12.63
CA PRO B 73 -18.90 3.59 -12.35
C PRO B 73 -20.25 3.65 -13.05
#